data_3RWV
#
_entry.id   3RWV
#
_cell.length_a   82.205
_cell.length_b   82.205
_cell.length_c   148.275
_cell.angle_alpha   90.00
_cell.angle_beta   90.00
_cell.angle_gamma   90.00
#
_symmetry.space_group_name_H-M   'P 43 21 2'
#
loop_
_entity.id
_entity.type
_entity.pdbx_description
1 polymer 'Glycolipid transfer protein'
2 non-polymer 'SULFATE ION'
3 water water
#
_entity_poly.entity_id   1
_entity_poly.type   'polypeptide(L)'
_entity_poly.pdbx_seq_one_letter_code
;MALLAEHLLKPLPADKQIETGPFLEAVSHLPPFFDCLGSPVFTPIKADISGNITKIKAVYDTNPAKFRTLQNILEVEKEM
YGAEWPKVGATLALMWLKRGLRFIQVFLQSICDGERDENHPNLIRVNATKAYEMALKKYHGWIVQKIFQAALYAAPYKSD
FLKALSKGQNVTEEECLEKIRLFLVNYTATIDVIYEMYTQMNAELNYKV
;
_entity_poly.pdbx_strand_id   A,B
#
# COMPACT_ATOMS: atom_id res chain seq x y z
N ALA A 5 3.30 12.03 -12.68
CA ALA A 5 4.06 12.58 -11.52
C ALA A 5 3.16 13.16 -10.41
N GLU A 6 1.84 13.04 -10.58
CA GLU A 6 0.88 13.52 -9.58
C GLU A 6 0.67 12.56 -8.42
N HIS A 7 1.05 11.29 -8.63
CA HIS A 7 0.93 10.26 -7.59
C HIS A 7 2.23 10.14 -6.85
N LEU A 8 2.37 10.95 -5.79
CA LEU A 8 3.62 11.02 -5.05
C LEU A 8 3.88 9.73 -4.29
N LEU A 9 5.14 9.37 -4.16
CA LEU A 9 5.51 8.27 -3.27
C LEU A 9 5.47 8.76 -1.83
N LYS A 10 5.28 7.82 -0.91
CA LYS A 10 5.38 8.09 0.52
C LYS A 10 6.78 8.59 0.87
N PRO A 11 6.90 9.47 1.87
CA PRO A 11 8.25 9.81 2.33
C PRO A 11 8.94 8.60 2.98
N LEU A 12 10.27 8.55 2.96
CA LEU A 12 10.99 7.48 3.66
C LEU A 12 10.84 7.67 5.17
N PRO A 13 10.55 6.58 5.88
CA PRO A 13 10.58 6.68 7.33
C PRO A 13 12.02 6.63 7.84
N ALA A 14 12.21 6.94 9.12
CA ALA A 14 13.53 6.95 9.74
C ALA A 14 14.27 5.62 9.58
N ASP A 15 13.54 4.50 9.69
CA ASP A 15 14.17 3.19 9.54
C ASP A 15 14.38 2.75 8.09
N LYS A 16 13.99 3.61 7.15
CA LYS A 16 14.19 3.42 5.70
C LYS A 16 13.56 2.15 5.14
N GLN A 17 12.54 1.66 5.83
CA GLN A 17 11.77 0.53 5.33
C GLN A 17 10.70 1.06 4.41
N ILE A 18 10.54 0.40 3.26
CA ILE A 18 9.59 0.82 2.25
C ILE A 18 8.43 -0.15 2.24
N GLU A 19 7.23 0.35 2.53
CA GLU A 19 6.04 -0.49 2.46
C GLU A 19 5.68 -0.89 1.02
N THR A 20 5.53 -2.19 0.81
CA THR A 20 5.35 -2.74 -0.52
C THR A 20 4.09 -2.23 -1.22
N GLY A 21 2.98 -2.22 -0.49
CA GLY A 21 1.70 -1.89 -1.12
C GLY A 21 1.68 -0.48 -1.69
N PRO A 22 2.01 0.53 -0.85
CA PRO A 22 1.97 1.90 -1.36
C PRO A 22 3.02 2.14 -2.43
N PHE A 23 4.14 1.43 -2.35
CA PHE A 23 5.18 1.54 -3.40
C PHE A 23 4.62 1.04 -4.74
N LEU A 24 4.02 -0.14 -4.74
CA LEU A 24 3.44 -0.69 -5.98
C LEU A 24 2.33 0.22 -6.52
N GLU A 25 1.49 0.74 -5.63
CA GLU A 25 0.43 1.64 -6.07
C GLU A 25 1.03 2.84 -6.82
N ALA A 26 2.07 3.42 -6.25
CA ALA A 26 2.64 4.65 -6.84
C ALA A 26 3.34 4.35 -8.16
N VAL A 27 4.16 3.30 -8.19
CA VAL A 27 4.96 3.08 -9.39
C VAL A 27 4.13 2.52 -10.55
N SER A 28 2.94 1.98 -10.24
CA SER A 28 2.02 1.54 -11.30
C SER A 28 1.60 2.64 -12.28
N HIS A 29 1.78 3.91 -11.88
CA HIS A 29 1.44 5.07 -12.72
C HIS A 29 2.54 5.48 -13.66
N LEU A 30 3.70 4.83 -13.55
CA LEU A 30 4.91 5.28 -14.25
C LEU A 30 5.22 4.68 -15.64
N PRO A 31 4.79 3.44 -15.92
CA PRO A 31 5.12 2.92 -17.27
C PRO A 31 4.70 3.81 -18.48
N PRO A 32 3.61 4.61 -18.38
CA PRO A 32 3.29 5.50 -19.52
C PRO A 32 4.38 6.53 -19.84
N PHE A 33 5.33 6.74 -18.93
CA PHE A 33 6.50 7.57 -19.23
C PHE A 33 7.12 7.15 -20.58
N PHE A 34 7.20 5.85 -20.83
CA PHE A 34 7.85 5.37 -22.03
C PHE A 34 7.12 5.75 -23.30
N ASP A 35 5.80 5.90 -23.23
CA ASP A 35 5.01 6.38 -24.37
C ASP A 35 5.37 7.82 -24.75
N CYS A 36 5.86 8.60 -23.77
CA CYS A 36 6.20 10.00 -24.01
C CYS A 36 7.47 10.17 -24.86
N LEU A 37 8.23 9.08 -24.99
CA LEU A 37 9.47 9.09 -25.76
C LEU A 37 9.24 8.91 -27.25
N GLY A 38 8.00 8.63 -27.64
CA GLY A 38 7.56 8.68 -29.03
C GLY A 38 8.21 7.70 -30.00
N SER A 39 8.48 6.50 -29.53
CA SER A 39 8.97 5.45 -30.43
C SER A 39 8.38 4.09 -30.07
N PRO A 40 8.01 3.29 -31.09
CA PRO A 40 7.56 1.93 -30.79
C PRO A 40 8.67 1.09 -30.17
N VAL A 41 9.93 1.52 -30.29
CA VAL A 41 11.04 0.77 -29.73
C VAL A 41 10.90 0.60 -28.20
N PHE A 42 10.17 1.52 -27.54
CA PHE A 42 10.04 1.45 -26.06
C PHE A 42 8.86 0.62 -25.58
N THR A 43 8.08 0.07 -26.52
CA THR A 43 6.98 -0.80 -26.12
C THR A 43 7.44 -2.05 -25.34
N PRO A 44 8.52 -2.73 -25.79
CA PRO A 44 8.98 -3.90 -24.98
C PRO A 44 9.40 -3.52 -23.54
N ILE A 45 10.19 -2.47 -23.37
CA ILE A 45 10.60 -2.12 -21.99
C ILE A 45 9.40 -1.68 -21.15
N LYS A 46 8.43 -1.01 -21.76
CA LYS A 46 7.24 -0.64 -21.03
C LYS A 46 6.53 -1.92 -20.53
N ALA A 47 6.40 -2.90 -21.41
CA ALA A 47 5.77 -4.16 -21.05
C ALA A 47 6.57 -4.91 -19.98
N ASP A 48 7.89 -4.85 -20.07
CA ASP A 48 8.74 -5.56 -19.11
C ASP A 48 8.62 -4.94 -17.73
N ILE A 49 8.62 -3.61 -17.65
CA ILE A 49 8.48 -2.92 -16.37
C ILE A 49 7.09 -3.16 -15.76
N SER A 50 6.06 -3.09 -16.60
CA SER A 50 4.72 -3.45 -16.15
C SER A 50 4.68 -4.88 -15.63
N GLY A 51 5.33 -5.80 -16.35
CA GLY A 51 5.40 -7.20 -15.90
C GLY A 51 6.13 -7.37 -14.56
N ASN A 52 7.20 -6.58 -14.33
CA ASN A 52 7.88 -6.64 -13.04
C ASN A 52 6.92 -6.24 -11.92
N ILE A 53 6.18 -5.14 -12.14
CA ILE A 53 5.24 -4.66 -11.12
C ILE A 53 4.17 -5.73 -10.86
N THR A 54 3.61 -6.29 -11.94
CA THR A 54 2.62 -7.38 -11.82
C THR A 54 3.15 -8.56 -11.00
N LYS A 55 4.41 -8.96 -11.25
CA LYS A 55 5.00 -10.11 -10.56
C LYS A 55 5.15 -9.81 -9.06
N ILE A 56 5.68 -8.62 -8.73
CA ILE A 56 5.87 -8.27 -7.30
C ILE A 56 4.50 -8.22 -6.60
N LYS A 57 3.52 -7.61 -7.28
CA LYS A 57 2.13 -7.56 -6.74
C LYS A 57 1.55 -8.97 -6.53
N ALA A 58 1.83 -9.90 -7.46
CA ALA A 58 1.30 -11.26 -7.33
C ALA A 58 1.84 -11.94 -6.07
N VAL A 59 3.15 -11.76 -5.82
CA VAL A 59 3.75 -12.35 -4.62
C VAL A 59 3.17 -11.66 -3.38
N TYR A 60 3.18 -10.33 -3.38
CA TYR A 60 2.65 -9.56 -2.26
C TYR A 60 1.22 -10.00 -1.90
N ASP A 61 0.38 -10.14 -2.92
CA ASP A 61 -1.06 -10.45 -2.69
C ASP A 61 -1.29 -11.80 -2.01
N THR A 62 -0.32 -12.73 -2.10
CA THR A 62 -0.47 -14.02 -1.43
C THR A 62 -0.38 -13.90 0.10
N ASN A 63 0.30 -12.86 0.57
CA ASN A 63 0.39 -12.61 2.01
C ASN A 63 0.94 -11.24 2.27
N PRO A 64 0.06 -10.24 2.21
CA PRO A 64 0.61 -8.88 2.31
C PRO A 64 1.37 -8.59 3.61
N ALA A 65 0.91 -9.12 4.74
CA ALA A 65 1.62 -8.83 5.98
C ALA A 65 3.04 -9.45 5.99
N LYS A 66 3.19 -10.67 5.48
CA LYS A 66 4.50 -11.32 5.42
C LYS A 66 5.44 -10.57 4.45
N PHE A 67 4.85 -9.98 3.42
CA PHE A 67 5.61 -9.23 2.42
C PHE A 67 5.38 -7.71 2.59
N ARG A 68 5.22 -7.26 3.83
CA ARG A 68 4.80 -5.86 4.10
C ARG A 68 5.76 -4.81 3.55
N THR A 69 7.06 -5.08 3.66
CA THR A 69 8.07 -4.17 3.14
C THR A 69 8.89 -4.84 2.03
N LEU A 70 9.61 -4.01 1.26
CA LEU A 70 10.46 -4.55 0.19
C LEU A 70 11.58 -5.42 0.78
N GLN A 71 12.09 -5.02 1.94
CA GLN A 71 13.10 -5.80 2.65
C GLN A 71 12.51 -7.15 3.03
N ASN A 72 11.26 -7.17 3.49
CA ASN A 72 10.62 -8.46 3.82
C ASN A 72 10.58 -9.40 2.60
N ILE A 73 10.28 -8.85 1.42
CA ILE A 73 10.26 -9.69 0.19
C ILE A 73 11.60 -10.39 0.01
N LEU A 74 12.69 -9.63 0.10
CA LEU A 74 14.03 -10.24 -0.12
C LEU A 74 14.34 -11.28 0.95
N GLU A 75 14.06 -10.96 2.22
CA GLU A 75 14.44 -11.89 3.30
C GLU A 75 13.57 -13.16 3.27
N VAL A 76 12.28 -13.00 2.99
CA VAL A 76 11.36 -14.16 2.92
C VAL A 76 11.71 -15.03 1.70
N GLU A 77 11.91 -14.42 0.53
CA GLU A 77 12.28 -15.23 -0.64
C GLU A 77 13.63 -15.93 -0.49
N LYS A 78 14.58 -15.31 0.21
CA LYS A 78 15.86 -15.96 0.46
C LYS A 78 15.60 -17.26 1.27
N GLU A 79 14.73 -17.19 2.29
CA GLU A 79 14.36 -18.40 3.05
C GLU A 79 13.66 -19.42 2.17
N MET A 80 12.75 -18.95 1.31
CA MET A 80 11.94 -19.86 0.47
C MET A 80 12.77 -20.62 -0.55
N TYR A 81 13.74 -19.94 -1.16
CA TYR A 81 14.36 -20.46 -2.37
C TYR A 81 15.80 -20.93 -2.22
N GLY A 82 16.40 -20.65 -1.07
CA GLY A 82 17.76 -21.14 -0.78
C GLY A 82 18.76 -20.66 -1.81
N ALA A 83 19.54 -21.61 -2.32
CA ALA A 83 20.62 -21.31 -3.26
C ALA A 83 20.15 -20.71 -4.60
N GLU A 84 18.85 -20.82 -4.90
CA GLU A 84 18.30 -20.26 -6.14
C GLU A 84 18.14 -18.75 -6.02
N TRP A 85 17.97 -18.28 -4.80
CA TRP A 85 17.88 -16.84 -4.54
C TRP A 85 19.26 -16.21 -4.70
N PRO A 86 19.36 -14.96 -5.26
CA PRO A 86 18.29 -13.99 -5.56
C PRO A 86 17.72 -14.03 -6.98
N LYS A 87 18.11 -15.01 -7.80
CA LYS A 87 17.60 -15.08 -9.18
C LYS A 87 16.23 -15.77 -9.26
N VAL A 88 15.27 -15.21 -8.52
CA VAL A 88 13.96 -15.83 -8.34
C VAL A 88 12.92 -14.78 -8.00
N GLY A 89 11.67 -15.07 -8.37
CA GLY A 89 10.52 -14.44 -7.73
C GLY A 89 10.42 -12.93 -7.84
N ALA A 90 9.82 -12.32 -6.81
CA ALA A 90 9.71 -10.87 -6.75
C ALA A 90 11.08 -10.19 -6.58
N THR A 91 12.04 -10.88 -5.97
CA THR A 91 13.38 -10.30 -5.78
C THR A 91 13.98 -10.00 -7.17
N LEU A 92 13.90 -10.96 -8.09
CA LEU A 92 14.45 -10.74 -9.43
C LEU A 92 13.64 -9.68 -10.18
N ALA A 93 12.32 -9.72 -10.03
CA ALA A 93 11.47 -8.70 -10.69
C ALA A 93 11.83 -7.28 -10.23
N LEU A 94 12.05 -7.11 -8.92
CA LEU A 94 12.39 -5.80 -8.36
C LEU A 94 13.82 -5.39 -8.72
N MET A 95 14.72 -6.38 -8.87
CA MET A 95 16.12 -6.09 -9.28
C MET A 95 16.13 -5.38 -10.63
N TRP A 96 15.24 -5.84 -11.53
CA TRP A 96 15.09 -5.23 -12.85
C TRP A 96 14.25 -3.98 -12.82
N LEU A 97 13.17 -3.99 -12.04
CA LEU A 97 12.26 -2.84 -11.97
C LEU A 97 13.04 -1.60 -11.55
N LYS A 98 13.93 -1.74 -10.57
CA LYS A 98 14.59 -0.54 -10.04
C LYS A 98 15.44 0.14 -11.12
N ARG A 99 15.94 -0.64 -12.10
CA ARG A 99 16.76 -0.05 -13.17
C ARG A 99 15.89 0.81 -14.09
N GLY A 100 14.70 0.31 -14.44
CA GLY A 100 13.76 1.14 -15.20
C GLY A 100 13.31 2.36 -14.42
N LEU A 101 13.09 2.22 -13.11
CA LEU A 101 12.70 3.37 -12.30
C LEU A 101 13.84 4.40 -12.23
N ARG A 102 15.08 3.92 -12.09
CA ARG A 102 16.25 4.81 -12.09
C ARG A 102 16.38 5.56 -13.42
N PHE A 103 16.14 4.85 -14.52
CA PHE A 103 16.13 5.48 -15.85
C PHE A 103 15.18 6.69 -15.86
N ILE A 104 13.94 6.49 -15.41
CA ILE A 104 12.96 7.58 -15.38
C ILE A 104 13.45 8.72 -14.47
N GLN A 105 13.96 8.36 -13.29
CA GLN A 105 14.46 9.33 -12.30
C GLN A 105 15.55 10.23 -12.89
N VAL A 106 16.58 9.60 -13.47
CA VAL A 106 17.73 10.36 -13.95
C VAL A 106 17.30 11.25 -15.12
N PHE A 107 16.47 10.71 -16.00
CA PHE A 107 15.96 11.44 -17.17
C PHE A 107 15.22 12.70 -16.69
N LEU A 108 14.27 12.53 -15.79
CA LEU A 108 13.45 13.65 -15.31
C LEU A 108 14.26 14.66 -14.54
N GLN A 109 15.17 14.17 -13.67
CA GLN A 109 16.04 15.09 -12.89
C GLN A 109 16.91 15.95 -13.79
N SER A 110 17.45 15.33 -14.83
CA SER A 110 18.34 16.00 -15.77
C SER A 110 17.60 17.14 -16.49
N ILE A 111 16.38 16.85 -16.96
CA ILE A 111 15.54 17.84 -17.64
C ILE A 111 15.20 18.96 -16.67
N CYS A 112 14.78 18.62 -15.46
CA CYS A 112 14.39 19.60 -14.44
C CYS A 112 15.53 20.53 -14.02
N ASP A 113 16.75 20.00 -14.05
CA ASP A 113 17.96 20.76 -13.70
C ASP A 113 18.48 21.66 -14.81
N GLY A 114 17.83 21.65 -15.96
CA GLY A 114 18.22 22.50 -17.08
C GLY A 114 19.44 21.99 -17.84
N GLU A 115 19.78 20.71 -17.66
CA GLU A 115 20.90 20.13 -18.42
C GLU A 115 20.51 20.04 -19.88
N ARG A 116 21.41 20.47 -20.76
CA ARG A 116 21.12 20.47 -22.19
C ARG A 116 22.40 20.59 -22.98
N ASP A 117 22.27 20.28 -24.27
CA ASP A 117 23.29 20.57 -25.27
C ASP A 117 23.01 22.00 -25.74
N GLU A 118 23.93 22.92 -25.48
CA GLU A 118 23.71 24.32 -25.89
C GLU A 118 23.63 24.51 -27.42
N ASN A 119 24.16 23.55 -28.18
CA ASN A 119 24.03 23.56 -29.64
C ASN A 119 22.62 23.17 -30.10
N HIS A 120 21.90 22.43 -29.26
CA HIS A 120 20.57 21.91 -29.58
C HIS A 120 19.68 21.99 -28.37
N PRO A 121 19.36 23.22 -27.92
CA PRO A 121 18.68 23.36 -26.63
C PRO A 121 17.24 22.83 -26.57
N ASN A 122 16.61 22.64 -27.74
CA ASN A 122 15.24 22.06 -27.75
C ASN A 122 15.23 20.55 -27.97
N LEU A 123 16.38 19.89 -27.86
CA LEU A 123 16.44 18.42 -27.90
C LEU A 123 16.60 17.87 -26.47
N ILE A 124 16.36 16.56 -26.32
CA ILE A 124 16.55 15.85 -25.04
C ILE A 124 17.52 14.68 -25.16
N ARG A 125 18.29 14.68 -26.26
CA ARG A 125 19.28 13.62 -26.48
C ARG A 125 20.27 13.49 -25.32
N VAL A 126 20.81 14.60 -24.84
CA VAL A 126 21.83 14.48 -23.78
C VAL A 126 21.22 13.92 -22.49
N ASN A 127 19.98 14.30 -22.20
CA ASN A 127 19.29 13.84 -20.99
C ASN A 127 18.99 12.36 -21.09
N ALA A 128 18.55 11.93 -22.27
CA ALA A 128 18.28 10.51 -22.54
C ALA A 128 19.51 9.63 -22.40
N THR A 129 20.61 10.09 -23.00
CA THR A 129 21.90 9.38 -22.93
C THR A 129 22.36 9.25 -21.48
N LYS A 130 22.25 10.33 -20.72
CA LYS A 130 22.66 10.28 -19.32
C LYS A 130 21.85 9.23 -18.57
N ALA A 131 20.54 9.27 -18.75
CA ALA A 131 19.65 8.31 -18.08
C ALA A 131 19.97 6.88 -18.47
N TYR A 132 20.18 6.65 -19.77
CA TYR A 132 20.43 5.28 -20.25
C TYR A 132 21.77 4.75 -19.71
N GLU A 133 22.81 5.57 -19.80
CA GLU A 133 24.13 5.19 -19.32
C GLU A 133 24.14 4.88 -17.82
N MET A 134 23.43 5.70 -17.05
CA MET A 134 23.43 5.53 -15.59
C MET A 134 22.63 4.33 -15.12
N ALA A 135 21.54 4.03 -15.82
CA ALA A 135 20.57 3.03 -15.32
C ALA A 135 20.57 1.66 -16.01
N LEU A 136 20.70 1.63 -17.33
CA LEU A 136 20.36 0.43 -18.10
C LEU A 136 21.43 -0.11 -19.04
N LYS A 137 22.25 0.78 -19.61
CA LYS A 137 23.09 0.42 -20.74
C LYS A 137 23.92 -0.85 -20.54
N LYS A 138 24.60 -0.97 -19.40
CA LYS A 138 25.48 -2.10 -19.22
C LYS A 138 24.76 -3.46 -19.12
N TYR A 139 23.44 -3.42 -18.94
CA TYR A 139 22.64 -4.64 -18.81
C TYR A 139 22.05 -5.10 -20.14
N HIS A 140 22.35 -4.35 -21.21
CA HIS A 140 21.88 -4.66 -22.56
C HIS A 140 23.02 -5.13 -23.40
N GLY A 141 22.80 -6.26 -24.08
CA GLY A 141 23.70 -6.69 -25.13
C GLY A 141 23.81 -5.64 -26.22
N TRP A 142 24.86 -5.75 -27.01
CA TRP A 142 25.19 -4.73 -27.99
C TRP A 142 24.09 -4.46 -29.03
N ILE A 143 23.45 -5.50 -29.52
CA ILE A 143 22.34 -5.32 -30.49
C ILE A 143 21.19 -4.51 -29.90
N VAL A 144 20.78 -4.89 -28.70
CA VAL A 144 19.75 -4.13 -27.99
C VAL A 144 20.20 -2.68 -27.76
N GLN A 145 21.44 -2.47 -27.31
CA GLN A 145 21.94 -1.10 -27.07
C GLN A 145 21.81 -0.25 -28.29
N LYS A 146 22.16 -0.79 -29.46
CA LYS A 146 22.14 0.04 -30.65
C LYS A 146 20.75 0.52 -31.02
N ILE A 147 19.77 -0.37 -30.91
CA ILE A 147 18.40 -0.01 -31.27
C ILE A 147 17.83 0.93 -30.22
N PHE A 148 18.07 0.63 -28.93
CA PHE A 148 17.56 1.45 -27.84
C PHE A 148 18.15 2.88 -27.93
N GLN A 149 19.47 2.96 -28.12
CA GLN A 149 20.14 4.24 -28.26
C GLN A 149 19.64 5.02 -29.48
N ALA A 150 19.42 4.32 -30.59
CA ALA A 150 18.90 4.99 -31.80
C ALA A 150 17.51 5.63 -31.55
N ALA A 151 16.65 4.91 -30.82
CA ALA A 151 15.32 5.44 -30.50
C ALA A 151 15.42 6.63 -29.53
N LEU A 152 16.32 6.56 -28.55
CA LEU A 152 16.55 7.74 -27.70
C LEU A 152 17.05 8.95 -28.51
N TYR A 153 17.93 8.70 -29.47
CA TYR A 153 18.43 9.75 -30.35
C TYR A 153 17.26 10.41 -31.11
N ALA A 154 16.23 9.63 -31.44
CA ALA A 154 15.07 10.08 -32.19
C ALA A 154 13.94 10.61 -31.30
N ALA A 155 14.26 10.93 -30.04
CA ALA A 155 13.26 11.41 -29.07
C ALA A 155 12.56 12.71 -29.51
N PRO A 156 11.35 13.01 -28.98
CA PRO A 156 10.69 14.27 -29.31
C PRO A 156 11.50 15.51 -28.90
N TYR A 157 11.17 16.65 -29.51
CA TYR A 157 11.59 17.95 -29.01
C TYR A 157 11.21 18.08 -27.52
N LYS A 158 12.01 18.82 -26.75
CA LYS A 158 11.80 18.94 -25.29
C LYS A 158 10.39 19.46 -24.97
N SER A 159 9.94 20.50 -25.67
CA SER A 159 8.61 21.04 -25.46
C SER A 159 7.50 20.02 -25.75
N ASP A 160 7.70 19.18 -26.78
CA ASP A 160 6.73 18.12 -27.09
C ASP A 160 6.75 17.02 -26.03
N PHE A 161 7.95 16.71 -25.53
CA PHE A 161 8.10 15.73 -24.45
C PHE A 161 7.33 16.20 -23.20
N LEU A 162 7.52 17.48 -22.84
CA LEU A 162 6.87 18.04 -21.66
C LEU A 162 5.36 18.12 -21.85
N LYS A 163 4.92 18.46 -23.07
CA LYS A 163 3.49 18.40 -23.42
C LYS A 163 2.91 16.99 -23.22
N ALA A 164 3.66 15.95 -23.61
CA ALA A 164 3.24 14.57 -23.43
C ALA A 164 3.17 14.18 -21.96
N LEU A 165 4.15 14.63 -21.18
CA LEU A 165 4.19 14.34 -19.74
C LEU A 165 3.03 14.96 -18.98
N SER A 166 2.44 16.03 -19.52
CA SER A 166 1.36 16.73 -18.85
C SER A 166 0.03 16.66 -19.61
N LYS A 167 -0.07 15.72 -20.54
CA LYS A 167 -1.30 15.51 -21.30
C LYS A 167 -2.53 15.36 -20.40
N GLY A 168 -3.61 16.04 -20.79
CA GLY A 168 -4.87 15.98 -20.04
C GLY A 168 -5.06 17.16 -19.10
N GLN A 169 -4.25 17.19 -18.05
CA GLN A 169 -4.27 18.29 -17.08
C GLN A 169 -3.90 19.62 -17.74
N ASN A 170 -4.58 20.68 -17.33
CA ASN A 170 -4.30 22.02 -17.83
C ASN A 170 -3.15 22.66 -17.06
N VAL A 171 -1.94 22.46 -17.57
CA VAL A 171 -0.73 22.94 -16.89
C VAL A 171 0.25 23.57 -17.87
N THR A 172 0.91 24.65 -17.44
CA THR A 172 2.00 25.24 -18.23
C THR A 172 3.23 24.35 -18.13
N GLU A 173 4.17 24.54 -19.05
CA GLU A 173 5.45 23.84 -18.96
C GLU A 173 6.15 24.06 -17.61
N GLU A 174 6.17 25.31 -17.15
CA GLU A 174 6.74 25.65 -15.83
C GLU A 174 6.07 24.91 -14.67
N GLU A 175 4.73 24.85 -14.69
CA GLU A 175 3.99 24.12 -13.66
C GLU A 175 4.26 22.61 -13.76
N CYS A 176 4.41 22.10 -14.98
CA CYS A 176 4.74 20.69 -15.20
C CYS A 176 6.09 20.36 -14.55
N LEU A 177 7.11 21.17 -14.82
CA LEU A 177 8.43 20.99 -14.22
C LEU A 177 8.43 21.07 -12.68
N GLU A 178 7.68 22.04 -12.14
CA GLU A 178 7.52 22.18 -10.70
C GLU A 178 6.93 20.90 -10.10
N LYS A 179 5.90 20.34 -10.74
CA LYS A 179 5.26 19.12 -10.24
C LYS A 179 6.23 17.94 -10.32
N ILE A 180 7.02 17.87 -11.39
CA ILE A 180 8.02 16.80 -11.52
C ILE A 180 9.08 16.92 -10.43
N ARG A 181 9.55 18.15 -10.16
CA ARG A 181 10.52 18.35 -9.08
C ARG A 181 10.00 17.86 -7.73
N LEU A 182 8.73 18.13 -7.44
CA LEU A 182 8.13 17.67 -6.18
C LEU A 182 8.11 16.13 -6.13
N PHE A 183 7.67 15.52 -7.24
CA PHE A 183 7.62 14.06 -7.34
C PHE A 183 9.01 13.44 -7.16
N LEU A 184 10.03 14.09 -7.72
CA LEU A 184 11.40 13.56 -7.65
C LEU A 184 11.98 13.44 -6.24
N VAL A 185 11.48 14.22 -5.28
CA VAL A 185 12.02 14.15 -3.91
C VAL A 185 11.90 12.74 -3.32
N ASN A 186 10.68 12.26 -3.11
CA ASN A 186 10.51 10.96 -2.48
C ASN A 186 10.84 9.83 -3.43
N TYR A 187 10.68 10.07 -4.73
CA TYR A 187 10.98 9.05 -5.73
C TYR A 187 12.47 8.71 -5.72
N THR A 188 13.32 9.74 -5.81
CA THR A 188 14.78 9.54 -5.78
C THR A 188 15.23 8.86 -4.48
N ALA A 189 14.71 9.32 -3.35
CA ALA A 189 15.12 8.79 -2.05
C ALA A 189 14.76 7.31 -1.97
N THR A 190 13.60 6.96 -2.52
CA THR A 190 13.11 5.59 -2.47
C THR A 190 13.97 4.68 -3.35
N ILE A 191 14.25 5.11 -4.59
CA ILE A 191 15.05 4.29 -5.49
C ILE A 191 16.45 4.10 -4.89
N ASP A 192 17.04 5.15 -4.34
CA ASP A 192 18.35 5.03 -3.69
C ASP A 192 18.36 3.95 -2.59
N VAL A 193 17.33 3.97 -1.75
CA VAL A 193 17.22 2.97 -0.67
C VAL A 193 17.11 1.55 -1.25
N ILE A 194 16.32 1.39 -2.31
CA ILE A 194 16.19 0.06 -2.95
C ILE A 194 17.56 -0.44 -3.48
N TYR A 195 18.30 0.44 -4.16
CA TYR A 195 19.64 0.06 -4.63
C TYR A 195 20.55 -0.34 -3.46
N GLU A 196 20.53 0.46 -2.38
CA GLU A 196 21.34 0.14 -1.20
C GLU A 196 20.93 -1.20 -0.56
N MET A 197 19.64 -1.50 -0.56
CA MET A 197 19.15 -2.77 -0.04
C MET A 197 19.72 -3.93 -0.87
N TYR A 198 19.65 -3.81 -2.20
CA TYR A 198 20.21 -4.86 -3.06
C TYR A 198 21.69 -5.11 -2.77
N THR A 199 22.46 -4.04 -2.54
CA THR A 199 23.85 -4.17 -2.18
C THR A 199 24.02 -4.84 -0.82
N GLN A 200 23.31 -4.34 0.19
CA GLN A 200 23.46 -4.85 1.56
C GLN A 200 23.10 -6.32 1.67
N MET A 201 22.09 -6.73 0.89
CA MET A 201 21.56 -8.11 0.97
C MET A 201 22.21 -9.05 -0.05
N ASN A 202 23.20 -8.53 -0.79
CA ASN A 202 23.90 -9.32 -1.80
C ASN A 202 22.91 -9.93 -2.82
N ALA A 203 21.93 -9.11 -3.24
CA ALA A 203 20.87 -9.57 -4.13
C ALA A 203 21.06 -9.06 -5.55
N GLU A 204 22.09 -8.24 -5.79
CA GLU A 204 22.36 -7.68 -7.12
C GLU A 204 23.12 -8.68 -7.98
N LEU A 205 22.64 -8.82 -9.23
CA LEU A 205 23.26 -9.69 -10.22
C LEU A 205 23.62 -8.86 -11.44
N ASN A 206 24.85 -9.01 -11.91
CA ASN A 206 25.30 -8.23 -13.06
C ASN A 206 25.38 -9.12 -14.30
N TYR A 207 24.28 -9.17 -15.06
CA TYR A 207 24.25 -9.92 -16.30
C TYR A 207 23.53 -9.15 -17.39
N LYS A 208 23.87 -9.49 -18.63
CA LYS A 208 23.29 -8.82 -19.80
C LYS A 208 22.17 -9.63 -20.42
N VAL A 209 21.22 -8.93 -21.04
CA VAL A 209 20.13 -9.57 -21.78
C VAL A 209 20.14 -9.15 -23.24
N ALA B 2 -4.54 11.46 11.49
CA ALA B 2 -5.76 12.24 11.13
C ALA B 2 -6.89 11.86 12.06
N LEU B 3 -7.69 12.84 12.47
CA LEU B 3 -8.86 12.53 13.26
C LEU B 3 -9.65 11.44 12.55
N LEU B 4 -10.14 10.48 13.33
CA LEU B 4 -11.04 9.45 12.83
C LEU B 4 -12.21 10.06 12.06
N ALA B 5 -12.74 11.17 12.58
CA ALA B 5 -13.86 11.88 11.96
C ALA B 5 -13.54 12.59 10.64
N GLU B 6 -12.27 12.64 10.23
CA GLU B 6 -11.90 13.16 8.92
C GLU B 6 -12.19 12.16 7.78
N HIS B 7 -12.50 10.92 8.16
CA HIS B 7 -12.80 9.89 7.18
C HIS B 7 -13.98 9.07 7.63
N LEU B 8 -15.15 9.71 7.69
CA LEU B 8 -16.40 9.03 8.09
C LEU B 8 -16.82 8.03 7.03
N LEU B 9 -17.39 6.91 7.48
CA LEU B 9 -18.01 5.96 6.57
C LEU B 9 -19.35 6.52 6.05
N LYS B 10 -19.76 6.05 4.87
CA LYS B 10 -21.05 6.44 4.31
C LYS B 10 -22.15 5.91 5.20
N PRO B 11 -23.31 6.59 5.23
CA PRO B 11 -24.46 5.98 5.89
C PRO B 11 -24.94 4.74 5.10
N LEU B 12 -25.72 3.89 5.76
CA LEU B 12 -26.31 2.71 5.10
C LEU B 12 -27.51 3.13 4.25
N PRO B 13 -27.66 2.54 3.05
CA PRO B 13 -28.92 2.74 2.31
C PRO B 13 -30.01 1.84 2.87
N ALA B 14 -31.26 2.16 2.53
CA ALA B 14 -32.41 1.38 2.95
C ALA B 14 -32.26 -0.11 2.69
N ASP B 15 -31.69 -0.47 1.53
CA ASP B 15 -31.51 -1.87 1.18
C ASP B 15 -30.30 -2.53 1.84
N LYS B 16 -29.58 -1.78 2.66
CA LYS B 16 -28.39 -2.24 3.42
C LYS B 16 -27.25 -2.79 2.57
N GLN B 17 -27.21 -2.41 1.30
CA GLN B 17 -26.10 -2.85 0.46
C GLN B 17 -24.94 -1.90 0.63
N ILE B 18 -23.75 -2.44 0.83
CA ILE B 18 -22.56 -1.63 1.06
C ILE B 18 -21.68 -1.61 -0.19
N GLU B 19 -21.44 -0.43 -0.74
CA GLU B 19 -20.57 -0.31 -1.92
C GLU B 19 -19.11 -0.61 -1.56
N THR B 20 -18.50 -1.53 -2.30
CA THR B 20 -17.17 -2.03 -1.98
C THR B 20 -16.09 -0.95 -2.05
N GLY B 21 -16.09 -0.17 -3.13
CA GLY B 21 -15.00 0.79 -3.34
C GLY B 21 -14.92 1.84 -2.24
N PRO B 22 -16.04 2.52 -1.95
CA PRO B 22 -16.04 3.52 -0.87
C PRO B 22 -15.77 2.91 0.51
N PHE B 23 -16.19 1.67 0.72
CA PHE B 23 -15.94 0.98 2.00
C PHE B 23 -14.43 0.80 2.16
N LEU B 24 -13.80 0.26 1.12
CA LEU B 24 -12.37 0.01 1.20
C LEU B 24 -11.59 1.32 1.35
N GLU B 25 -12.02 2.35 0.65
CA GLU B 25 -11.37 3.64 0.77
C GLU B 25 -11.49 4.16 2.22
N ALA B 26 -12.67 4.03 2.83
CA ALA B 26 -12.83 4.55 4.20
C ALA B 26 -11.98 3.76 5.19
N VAL B 27 -12.00 2.44 5.10
CA VAL B 27 -11.30 1.66 6.13
C VAL B 27 -9.79 1.67 5.96
N SER B 28 -9.31 2.09 4.78
CA SER B 28 -7.88 2.23 4.56
C SER B 28 -7.25 3.31 5.45
N HIS B 29 -8.08 4.15 6.07
CA HIS B 29 -7.60 5.19 6.96
C HIS B 29 -7.47 4.71 8.39
N LEU B 30 -7.89 3.47 8.64
CA LEU B 30 -7.94 2.93 10.02
C LEU B 30 -6.67 2.26 10.56
N PRO B 31 -5.86 1.60 9.71
CA PRO B 31 -4.65 1.00 10.33
C PRO B 31 -3.77 1.94 11.20
N PRO B 32 -3.72 3.26 10.88
CA PRO B 32 -3.01 4.19 11.78
C PRO B 32 -3.52 4.24 13.22
N PHE B 33 -4.73 3.74 13.48
CA PHE B 33 -5.23 3.58 14.85
C PHE B 33 -4.17 2.88 15.71
N PHE B 34 -3.51 1.86 15.14
CA PHE B 34 -2.51 1.12 15.89
C PHE B 34 -1.23 1.91 16.19
N ASP B 35 -0.89 2.86 15.34
CA ASP B 35 0.25 3.72 15.60
C ASP B 35 0.01 4.54 16.86
N CYS B 36 -1.25 4.90 17.10
CA CYS B 36 -1.63 5.66 18.30
C CYS B 36 -1.42 4.86 19.58
N LEU B 37 -1.30 3.54 19.44
CA LEU B 37 -1.01 2.70 20.61
C LEU B 37 0.46 2.71 21.00
N GLY B 38 1.33 3.25 20.13
CA GLY B 38 2.71 3.60 20.49
C GLY B 38 3.72 2.53 20.90
N SER B 39 3.47 1.28 20.53
CA SER B 39 4.43 0.20 20.77
C SER B 39 4.53 -0.66 19.54
N PRO B 40 5.76 -1.12 19.24
CA PRO B 40 5.92 -2.06 18.14
C PRO B 40 5.10 -3.35 18.26
N VAL B 41 4.68 -3.71 19.49
CA VAL B 41 3.94 -4.97 19.64
C VAL B 41 2.56 -4.92 19.00
N PHE B 42 2.10 -3.73 18.60
CA PHE B 42 0.83 -3.58 17.90
C PHE B 42 0.94 -3.57 16.38
N THR B 43 2.18 -3.55 15.89
CA THR B 43 2.39 -3.56 14.44
C THR B 43 1.86 -4.86 13.77
N PRO B 44 1.92 -6.04 14.45
CA PRO B 44 1.36 -7.20 13.75
C PRO B 44 -0.14 -7.11 13.48
N ILE B 45 -0.91 -6.61 14.44
CA ILE B 45 -2.37 -6.49 14.20
C ILE B 45 -2.60 -5.43 13.12
N LYS B 46 -1.84 -4.33 13.16
CA LYS B 46 -1.93 -3.31 12.10
C LYS B 46 -1.71 -3.93 10.72
N ALA B 47 -0.66 -4.73 10.61
CA ALA B 47 -0.29 -5.36 9.33
C ALA B 47 -1.34 -6.38 8.88
N ASP B 48 -1.93 -7.08 9.85
CA ASP B 48 -2.95 -8.07 9.54
C ASP B 48 -4.21 -7.40 8.97
N ILE B 49 -4.68 -6.35 9.65
CA ILE B 49 -5.87 -5.63 9.18
C ILE B 49 -5.60 -4.99 7.81
N SER B 50 -4.45 -4.33 7.68
CA SER B 50 -4.05 -3.73 6.41
C SER B 50 -4.02 -4.82 5.32
N GLY B 51 -3.46 -5.97 5.65
CA GLY B 51 -3.35 -7.07 4.69
C GLY B 51 -4.71 -7.55 4.20
N ASN B 52 -5.67 -7.64 5.14
CA ASN B 52 -7.03 -8.04 4.73
C ASN B 52 -7.73 -7.02 3.82
N ILE B 53 -7.54 -5.73 4.12
CA ILE B 53 -8.03 -4.68 3.19
C ILE B 53 -7.38 -4.87 1.78
N THR B 54 -6.07 -5.08 1.75
CA THR B 54 -5.35 -5.30 0.51
C THR B 54 -5.92 -6.50 -0.27
N LYS B 55 -6.15 -7.61 0.42
CA LYS B 55 -6.65 -8.82 -0.27
C LYS B 55 -8.05 -8.62 -0.85
N ILE B 56 -8.88 -7.84 -0.16
CA ILE B 56 -10.22 -7.56 -0.70
C ILE B 56 -10.10 -6.62 -1.91
N LYS B 57 -9.30 -5.57 -1.77
CA LYS B 57 -9.11 -4.60 -2.85
C LYS B 57 -8.55 -5.27 -4.12
N ALA B 58 -7.65 -6.24 -3.93
CA ALA B 58 -7.07 -6.95 -5.09
C ALA B 58 -8.15 -7.65 -5.92
N VAL B 59 -9.13 -8.25 -5.25
CA VAL B 59 -10.27 -8.91 -5.94
C VAL B 59 -11.15 -7.83 -6.59
N TYR B 60 -11.55 -6.84 -5.81
CA TYR B 60 -12.38 -5.75 -6.30
C TYR B 60 -11.82 -5.13 -7.58
N ASP B 61 -10.51 -4.83 -7.59
CA ASP B 61 -9.89 -4.15 -8.71
C ASP B 61 -9.90 -4.96 -10.01
N THR B 62 -10.06 -6.28 -9.91
CA THR B 62 -10.12 -7.10 -11.14
C THR B 62 -11.41 -6.83 -11.94
N ASN B 63 -12.47 -6.43 -11.24
CA ASN B 63 -13.77 -6.19 -11.87
C ASN B 63 -14.70 -5.40 -10.94
N PRO B 64 -14.52 -4.07 -10.89
CA PRO B 64 -15.31 -3.27 -9.94
C PRO B 64 -16.82 -3.38 -10.14
N ALA B 65 -17.29 -3.56 -11.37
CA ALA B 65 -18.72 -3.75 -11.63
C ALA B 65 -19.26 -5.06 -11.04
N LYS B 66 -18.53 -6.15 -11.22
CA LYS B 66 -18.97 -7.45 -10.72
C LYS B 66 -18.93 -7.52 -9.19
N PHE B 67 -17.99 -6.78 -8.61
CA PHE B 67 -17.76 -6.77 -7.17
C PHE B 67 -18.22 -5.45 -6.55
N ARG B 68 -19.28 -4.87 -7.12
CA ARG B 68 -19.69 -3.51 -6.74
C ARG B 68 -20.07 -3.38 -5.27
N THR B 69 -20.72 -4.41 -4.72
CA THR B 69 -21.10 -4.39 -3.29
C THR B 69 -20.45 -5.55 -2.54
N LEU B 70 -20.41 -5.48 -1.21
CA LEU B 70 -19.83 -6.55 -0.42
C LEU B 70 -20.61 -7.86 -0.59
N GLN B 71 -21.92 -7.74 -0.70
CA GLN B 71 -22.76 -8.88 -1.00
C GLN B 71 -22.39 -9.53 -2.34
N ASN B 72 -22.13 -8.71 -3.35
CA ASN B 72 -21.69 -9.22 -4.66
C ASN B 72 -20.42 -10.07 -4.52
N ILE B 73 -19.49 -9.63 -3.68
CA ILE B 73 -18.26 -10.41 -3.46
C ILE B 73 -18.60 -11.83 -2.99
N LEU B 74 -19.46 -11.94 -1.99
CA LEU B 74 -19.81 -13.28 -1.47
C LEU B 74 -20.55 -14.14 -2.51
N GLU B 75 -21.50 -13.53 -3.23
CA GLU B 75 -22.27 -14.19 -4.29
C GLU B 75 -21.37 -14.71 -5.39
N VAL B 76 -20.53 -13.82 -5.92
CA VAL B 76 -19.67 -14.14 -7.07
C VAL B 76 -18.64 -15.20 -6.66
N GLU B 77 -18.02 -15.03 -5.50
CA GLU B 77 -16.99 -15.99 -5.10
C GLU B 77 -17.57 -17.36 -4.79
N LYS B 78 -18.80 -17.42 -4.25
CA LYS B 78 -19.47 -18.69 -4.01
C LYS B 78 -19.59 -19.46 -5.32
N GLU B 79 -19.94 -18.76 -6.39
CA GLU B 79 -20.07 -19.41 -7.70
C GLU B 79 -18.70 -19.73 -8.34
N MET B 80 -17.72 -18.83 -8.15
CA MET B 80 -16.36 -19.05 -8.67
C MET B 80 -15.72 -20.30 -8.06
N TYR B 81 -15.89 -20.49 -6.75
CA TYR B 81 -15.03 -21.42 -6.03
C TYR B 81 -15.66 -22.71 -5.52
N GLY B 82 -16.98 -22.85 -5.65
CA GLY B 82 -17.63 -24.10 -5.26
C GLY B 82 -17.34 -24.45 -3.82
N ALA B 83 -16.97 -25.70 -3.58
CA ALA B 83 -16.79 -26.21 -2.23
C ALA B 83 -15.65 -25.54 -1.43
N GLU B 84 -14.75 -24.83 -2.12
CA GLU B 84 -13.67 -24.10 -1.43
C GLU B 84 -14.21 -22.92 -0.62
N TRP B 85 -15.35 -22.38 -1.08
CA TRP B 85 -16.00 -21.24 -0.44
C TRP B 85 -16.78 -21.71 0.77
N PRO B 86 -16.83 -20.90 1.86
CA PRO B 86 -16.36 -19.52 2.03
C PRO B 86 -14.91 -19.30 2.48
N LYS B 87 -14.14 -20.37 2.64
CA LYS B 87 -12.74 -20.22 3.13
C LYS B 87 -11.78 -19.89 1.98
N VAL B 88 -12.06 -18.76 1.33
CA VAL B 88 -11.35 -18.40 0.11
C VAL B 88 -11.46 -16.90 -0.14
N GLY B 89 -10.42 -16.35 -0.78
CA GLY B 89 -10.54 -15.06 -1.49
C GLY B 89 -10.93 -13.86 -0.65
N ALA B 90 -11.63 -12.91 -1.27
CA ALA B 90 -12.05 -11.70 -0.55
C ALA B 90 -13.10 -12.03 0.53
N THR B 91 -13.88 -13.10 0.34
CA THR B 91 -14.87 -13.52 1.34
C THR B 91 -14.13 -13.83 2.66
N LEU B 92 -13.03 -14.58 2.55
CA LEU B 92 -12.24 -14.92 3.74
C LEU B 92 -11.55 -13.71 4.33
N ALA B 93 -10.98 -12.86 3.47
CA ALA B 93 -10.30 -11.66 3.97
C ALA B 93 -11.26 -10.75 4.73
N LEU B 94 -12.48 -10.59 4.18
CA LEU B 94 -13.50 -9.75 4.84
C LEU B 94 -14.04 -10.42 6.13
N MET B 95 -14.08 -11.77 6.16
CA MET B 95 -14.51 -12.49 7.35
C MET B 95 -13.60 -12.13 8.55
N TRP B 96 -12.31 -12.01 8.26
CA TRP B 96 -11.32 -11.62 9.27
C TRP B 96 -11.24 -10.12 9.46
N LEU B 97 -11.36 -9.36 8.37
CA LEU B 97 -11.35 -7.89 8.49
C LEU B 97 -12.46 -7.41 9.41
N LYS B 98 -13.67 -7.98 9.29
CA LYS B 98 -14.78 -7.48 10.14
C LYS B 98 -14.44 -7.64 11.63
N ARG B 99 -13.67 -8.67 11.98
CA ARG B 99 -13.29 -8.90 13.37
C ARG B 99 -12.28 -7.84 13.84
N GLY B 100 -11.32 -7.52 12.97
CA GLY B 100 -10.38 -6.43 13.28
C GLY B 100 -11.08 -5.07 13.39
N LEU B 101 -12.06 -4.82 12.51
CA LEU B 101 -12.82 -3.58 12.57
C LEU B 101 -13.65 -3.55 13.87
N ARG B 102 -14.26 -4.67 14.24
CA ARG B 102 -15.02 -4.74 15.48
C ARG B 102 -14.10 -4.53 16.69
N PHE B 103 -12.86 -5.02 16.63
CA PHE B 103 -11.92 -4.76 17.72
C PHE B 103 -11.75 -3.25 17.93
N ILE B 104 -11.50 -2.52 16.85
CA ILE B 104 -11.32 -1.07 16.94
C ILE B 104 -12.62 -0.43 17.47
N GLN B 105 -13.75 -0.86 16.91
CA GLN B 105 -15.07 -0.34 17.34
C GLN B 105 -15.31 -0.46 18.86
N VAL B 106 -15.14 -1.67 19.36
CA VAL B 106 -15.39 -1.92 20.78
C VAL B 106 -14.42 -1.14 21.66
N PHE B 107 -13.16 -1.08 21.23
CA PHE B 107 -12.11 -0.38 21.98
C PHE B 107 -12.50 1.11 22.11
N LEU B 108 -12.87 1.72 20.99
CA LEU B 108 -13.23 3.15 20.96
C LEU B 108 -14.54 3.41 21.72
N GLN B 109 -15.55 2.55 21.51
CA GLN B 109 -16.85 2.76 22.16
C GLN B 109 -16.74 2.64 23.68
N SER B 110 -15.91 1.69 24.12
CA SER B 110 -15.70 1.47 25.55
C SER B 110 -15.09 2.72 26.21
N ILE B 111 -14.11 3.33 25.54
CA ILE B 111 -13.51 4.58 26.06
C ILE B 111 -14.53 5.73 26.03
N CYS B 112 -15.30 5.85 24.94
CA CYS B 112 -16.30 6.90 24.83
C CYS B 112 -17.37 6.80 25.93
N ASP B 113 -17.68 5.56 26.32
CA ASP B 113 -18.71 5.30 27.33
C ASP B 113 -18.18 5.43 28.76
N GLY B 114 -16.90 5.75 28.90
CA GLY B 114 -16.34 5.96 30.24
C GLY B 114 -15.98 4.68 30.98
N GLU B 115 -15.90 3.56 30.28
CA GLU B 115 -15.47 2.34 30.93
C GLU B 115 -13.99 2.46 31.31
N ARG B 116 -13.67 2.10 32.55
CA ARG B 116 -12.32 2.35 33.07
C ARG B 116 -12.10 1.53 34.32
N ASP B 117 -10.84 1.23 34.60
CA ASP B 117 -10.48 0.67 35.90
C ASP B 117 -10.11 1.88 36.76
N GLU B 118 -10.87 2.12 37.83
CA GLU B 118 -10.62 3.30 38.66
C GLU B 118 -9.24 3.28 39.32
N ASN B 119 -8.66 2.09 39.46
CA ASN B 119 -7.31 1.96 39.98
C ASN B 119 -6.22 2.36 38.97
N HIS B 120 -6.60 2.44 37.69
CA HIS B 120 -5.68 2.77 36.61
C HIS B 120 -6.35 3.70 35.64
N PRO B 121 -6.73 4.90 36.11
CA PRO B 121 -7.53 5.78 35.27
C PRO B 121 -6.81 6.33 34.04
N ASN B 122 -5.47 6.28 34.01
CA ASN B 122 -4.74 6.72 32.83
C ASN B 122 -4.16 5.55 32.02
N LEU B 123 -4.73 4.36 32.19
CA LEU B 123 -4.47 3.26 31.28
C LEU B 123 -5.72 2.97 30.43
N ILE B 124 -5.55 2.12 29.42
CA ILE B 124 -6.66 1.69 28.57
C ILE B 124 -6.60 0.16 28.41
N ARG B 125 -5.98 -0.51 29.38
CA ARG B 125 -5.89 -1.99 29.33
C ARG B 125 -7.27 -2.64 29.38
N VAL B 126 -8.15 -2.17 30.28
CA VAL B 126 -9.48 -2.81 30.36
C VAL B 126 -10.26 -2.68 29.06
N ASN B 127 -10.07 -1.55 28.38
CA ASN B 127 -10.77 -1.30 27.10
C ASN B 127 -10.24 -2.20 26.00
N ALA B 128 -8.90 -2.29 25.91
CA ALA B 128 -8.24 -3.20 24.95
C ALA B 128 -8.66 -4.67 25.18
N THR B 129 -8.62 -5.09 26.43
CA THR B 129 -9.01 -6.47 26.79
C THR B 129 -10.46 -6.76 26.40
N LYS B 130 -11.37 -5.84 26.74
CA LYS B 130 -12.77 -6.07 26.38
C LYS B 130 -12.92 -6.19 24.87
N ALA B 131 -12.26 -5.29 24.12
CA ALA B 131 -12.32 -5.33 22.66
C ALA B 131 -11.79 -6.68 22.11
N TYR B 132 -10.69 -7.16 22.68
CA TYR B 132 -10.15 -8.45 22.27
C TYR B 132 -11.14 -9.59 22.53
N GLU B 133 -11.68 -9.60 23.75
CA GLU B 133 -12.62 -10.66 24.12
C GLU B 133 -13.86 -10.67 23.23
N MET B 134 -14.37 -9.47 22.87
CA MET B 134 -15.60 -9.37 22.09
CA MET B 134 -15.61 -9.38 22.10
C MET B 134 -15.39 -9.65 20.61
N ALA B 135 -14.20 -9.36 20.08
CA ALA B 135 -14.00 -9.38 18.64
C ALA B 135 -13.18 -10.54 18.09
N LEU B 136 -12.11 -10.93 18.78
CA LEU B 136 -11.10 -11.81 18.19
C LEU B 136 -10.74 -13.05 19.01
N LYS B 137 -10.83 -12.97 20.33
CA LYS B 137 -10.26 -14.00 21.19
C LYS B 137 -10.78 -15.43 20.91
N LYS B 138 -12.07 -15.53 20.60
CA LYS B 138 -12.73 -16.82 20.32
C LYS B 138 -12.10 -17.55 19.12
N TYR B 139 -11.42 -16.80 18.27
CA TYR B 139 -10.85 -17.32 17.02
C TYR B 139 -9.34 -17.55 17.09
N HIS B 140 -8.80 -17.50 18.31
CA HIS B 140 -7.38 -17.73 18.58
C HIS B 140 -7.20 -18.96 19.43
N GLY B 141 -6.24 -19.81 19.06
CA GLY B 141 -5.83 -20.91 19.93
C GLY B 141 -5.21 -20.41 21.23
N TRP B 142 -4.99 -21.34 22.16
CA TRP B 142 -4.59 -20.99 23.52
C TRP B 142 -3.28 -20.21 23.54
N ILE B 143 -2.30 -20.67 22.77
CA ILE B 143 -0.97 -20.04 22.81
C ILE B 143 -1.02 -18.61 22.27
N VAL B 144 -1.76 -18.41 21.17
CA VAL B 144 -1.97 -17.04 20.65
C VAL B 144 -2.76 -16.19 21.64
N GLN B 145 -3.80 -16.75 22.27
CA GLN B 145 -4.55 -15.95 23.26
C GLN B 145 -3.62 -15.42 24.34
N LYS B 146 -2.71 -16.25 24.84
CA LYS B 146 -1.88 -15.82 25.95
C LYS B 146 -0.92 -14.69 25.54
N ILE B 147 -0.31 -14.82 24.36
CA ILE B 147 0.67 -13.81 23.94
C ILE B 147 -0.02 -12.54 23.41
N PHE B 148 -1.18 -12.70 22.76
CA PHE B 148 -1.90 -11.52 22.27
C PHE B 148 -2.41 -10.69 23.48
N GLN B 149 -3.01 -11.35 24.47
CA GLN B 149 -3.46 -10.63 25.66
C GLN B 149 -2.26 -9.98 26.38
N ALA B 150 -1.14 -10.67 26.47
CA ALA B 150 0.06 -10.08 27.09
C ALA B 150 0.49 -8.81 26.35
N ALA B 151 0.41 -8.81 25.02
CA ALA B 151 0.76 -7.63 24.24
C ALA B 151 -0.15 -6.44 24.55
N LEU B 152 -1.42 -6.73 24.86
CA LEU B 152 -2.37 -5.64 25.18
C LEU B 152 -1.93 -4.86 26.41
N TYR B 153 -1.17 -5.50 27.28
CA TYR B 153 -0.66 -4.83 28.49
C TYR B 153 0.43 -3.79 28.18
N ALA B 154 0.90 -3.78 26.93
CA ALA B 154 1.82 -2.75 26.43
C ALA B 154 1.08 -1.50 25.91
N ALA B 155 -0.24 -1.45 26.09
CA ALA B 155 -1.04 -0.29 25.65
C ALA B 155 -0.48 1.01 26.29
N PRO B 156 -0.66 2.15 25.61
CA PRO B 156 -0.10 3.40 26.09
C PRO B 156 -0.93 4.01 27.22
N TYR B 157 -0.40 5.05 27.85
CA TYR B 157 -1.23 5.89 28.70
C TYR B 157 -2.38 6.46 27.89
N LYS B 158 -3.55 6.55 28.53
CA LYS B 158 -4.76 7.06 27.90
C LYS B 158 -4.55 8.47 27.36
N SER B 159 -3.91 9.31 28.16
CA SER B 159 -3.64 10.69 27.73
C SER B 159 -2.81 10.73 26.44
N ASP B 160 -1.81 9.85 26.35
CA ASP B 160 -0.99 9.78 25.13
C ASP B 160 -1.80 9.27 23.92
N PHE B 161 -2.63 8.28 24.18
CA PHE B 161 -3.48 7.69 23.14
C PHE B 161 -4.44 8.71 22.55
N LEU B 162 -5.12 9.45 23.43
CA LEU B 162 -6.09 10.44 22.96
C LEU B 162 -5.43 11.58 22.21
N LYS B 163 -4.24 11.98 22.66
CA LYS B 163 -3.49 13.03 21.98
C LYS B 163 -3.13 12.57 20.56
N ALA B 164 -2.70 11.31 20.44
CA ALA B 164 -2.36 10.75 19.13
C ALA B 164 -3.57 10.69 18.21
N LEU B 165 -4.73 10.33 18.75
CA LEU B 165 -6.00 10.34 18.02
C LEU B 165 -6.43 11.74 17.59
N SER B 166 -5.94 12.76 18.31
CA SER B 166 -6.23 14.16 18.00
C SER B 166 -5.13 14.79 17.16
N LYS B 167 -4.40 13.97 16.39
CA LYS B 167 -3.35 14.47 15.49
C LYS B 167 -2.26 15.24 16.24
N GLY B 168 -2.01 14.84 17.47
CA GLY B 168 -0.99 15.49 18.28
C GLY B 168 -1.39 16.80 18.90
N GLN B 169 -2.62 17.24 18.67
CA GLN B 169 -3.12 18.51 19.23
C GLN B 169 -3.57 18.30 20.67
N ASN B 170 -3.50 19.33 21.48
CA ASN B 170 -4.04 19.22 22.83
C ASN B 170 -5.48 19.71 22.86
N VAL B 171 -6.38 18.78 23.12
CA VAL B 171 -7.80 19.08 23.28
C VAL B 171 -8.27 18.43 24.59
N THR B 172 -9.45 18.81 25.07
CA THR B 172 -9.96 18.13 26.26
C THR B 172 -10.36 16.70 25.89
N GLU B 173 -10.49 15.87 26.91
CA GLU B 173 -10.92 14.50 26.68
C GLU B 173 -12.26 14.50 25.94
N GLU B 174 -13.23 15.29 26.43
CA GLU B 174 -14.55 15.31 25.77
C GLU B 174 -14.52 15.88 24.37
N GLU B 175 -13.63 16.83 24.10
CA GLU B 175 -13.51 17.32 22.72
C GLU B 175 -13.07 16.20 21.78
N CYS B 176 -12.14 15.36 22.26
CA CYS B 176 -11.69 14.22 21.47
C CYS B 176 -12.81 13.19 21.34
N LEU B 177 -13.43 12.82 22.47
CA LEU B 177 -14.43 11.75 22.47
C LEU B 177 -15.65 12.12 21.63
N GLU B 178 -16.03 13.41 21.63
CA GLU B 178 -17.16 13.87 20.83
C GLU B 178 -16.97 13.48 19.35
N LYS B 179 -15.76 13.68 18.83
CA LYS B 179 -15.46 13.36 17.44
C LYS B 179 -15.37 11.84 17.20
N ILE B 180 -14.91 11.09 18.21
CA ILE B 180 -14.89 9.63 18.07
C ILE B 180 -16.32 9.11 18.02
N ARG B 181 -17.19 9.66 18.90
CA ARG B 181 -18.61 9.24 18.89
C ARG B 181 -19.25 9.46 17.50
N LEU B 182 -18.95 10.60 16.88
CA LEU B 182 -19.44 10.87 15.53
C LEU B 182 -18.99 9.78 14.53
N PHE B 183 -17.68 9.50 14.53
CA PHE B 183 -17.13 8.45 13.67
C PHE B 183 -17.80 7.09 13.92
N LEU B 184 -18.09 6.79 15.19
CA LEU B 184 -18.65 5.49 15.55
C LEU B 184 -20.05 5.22 14.99
N VAL B 185 -20.82 6.28 14.66
CA VAL B 185 -22.19 6.07 14.21
C VAL B 185 -22.26 5.19 12.94
N ASN B 186 -21.70 5.68 11.83
CA ASN B 186 -21.76 4.88 10.60
C ASN B 186 -20.84 3.67 10.62
N TYR B 187 -19.74 3.79 11.36
CA TYR B 187 -18.79 2.69 11.48
C TYR B 187 -19.44 1.48 12.13
N THR B 188 -20.07 1.69 13.29
CA THR B 188 -20.76 0.59 13.97
C THR B 188 -21.89 -0.03 13.14
N ALA B 189 -22.71 0.83 12.55
CA ALA B 189 -23.82 0.35 11.72
C ALA B 189 -23.32 -0.50 10.55
N THR B 190 -22.22 -0.08 9.94
CA THR B 190 -21.67 -0.80 8.78
C THR B 190 -21.12 -2.17 9.21
N ILE B 191 -20.36 -2.21 10.30
CA ILE B 191 -19.85 -3.48 10.81
C ILE B 191 -21.00 -4.43 11.13
N ASP B 192 -22.05 -3.93 11.77
CA ASP B 192 -23.19 -4.78 12.11
C ASP B 192 -23.83 -5.42 10.86
N VAL B 193 -23.98 -4.62 9.80
CA VAL B 193 -24.54 -5.14 8.55
C VAL B 193 -23.65 -6.23 7.95
N ILE B 194 -22.34 -6.03 8.04
CA ILE B 194 -21.41 -7.04 7.50
C ILE B 194 -21.52 -8.36 8.29
N TYR B 195 -21.58 -8.26 9.62
CA TYR B 195 -21.75 -9.48 10.43
C TYR B 195 -23.07 -10.19 10.07
N GLU B 196 -24.14 -9.43 9.92
CA GLU B 196 -25.43 -10.02 9.56
C GLU B 196 -25.40 -10.72 8.19
N MET B 197 -24.73 -10.09 7.22
CA MET B 197 -24.54 -10.70 5.90
C MET B 197 -23.81 -12.04 6.00
N TYR B 198 -22.72 -12.10 6.78
CA TYR B 198 -22.00 -13.38 6.94
C TYR B 198 -22.91 -14.49 7.51
N THR B 199 -23.74 -14.14 8.48
CA THR B 199 -24.68 -15.11 9.05
C THR B 199 -25.71 -15.56 8.00
N GLN B 200 -26.31 -14.57 7.33
CA GLN B 200 -27.38 -14.85 6.35
C GLN B 200 -26.89 -15.70 5.18
N MET B 201 -25.64 -15.48 4.78
CA MET B 201 -25.06 -16.18 3.64
C MET B 201 -24.31 -17.45 4.03
N ASN B 202 -24.35 -17.79 5.32
CA ASN B 202 -23.63 -18.96 5.84
C ASN B 202 -22.16 -18.92 5.42
N ALA B 203 -21.59 -17.73 5.50
CA ALA B 203 -20.21 -17.52 5.11
C ALA B 203 -19.28 -17.42 6.31
N GLU B 204 -19.85 -17.43 7.51
CA GLU B 204 -19.08 -17.35 8.74
C GLU B 204 -18.42 -18.70 9.07
N LEU B 205 -17.14 -18.65 9.47
CA LEU B 205 -16.40 -19.83 9.91
C LEU B 205 -15.84 -19.61 11.31
N ASN B 206 -15.69 -20.68 12.07
CA ASN B 206 -15.26 -20.58 13.46
C ASN B 206 -13.85 -21.06 13.75
N TYR B 207 -13.11 -21.48 12.73
CA TYR B 207 -11.77 -22.04 12.97
C TYR B 207 -10.83 -21.07 13.68
N LYS B 208 -9.97 -21.63 14.51
CA LYS B 208 -8.99 -20.85 15.26
C LYS B 208 -7.65 -20.80 14.54
N VAL B 209 -6.91 -19.75 14.83
CA VAL B 209 -5.54 -19.61 14.34
C VAL B 209 -4.53 -19.56 15.47
#